data_2HAG
#
_entry.id   2HAG
#
_cell.length_a   94.310
_cell.length_b   94.310
_cell.length_c   113.680
_cell.angle_alpha   90.000
_cell.angle_beta   90.000
_cell.angle_gamma   90.000
#
_symmetry.space_group_name_H-M   'P 43 21 2'
#
loop_
_entity.id
_entity.type
_entity.pdbx_description
1 polymer 'Melanin biosynthesis protein TyrA, putative'
2 water water
#
_entity_poly.entity_id   1
_entity_poly.type   'polypeptide(L)'
_entity_poly.pdbx_seq_one_letter_code
;G(MSE)DIQN(MSE)PREQLGVCAEGNLHSVYL(MSE)FNANDNVESQLRPCIANVAQYIYELTDQYSDSAFNGFVAIGA
NYWDSLYPESRPE(MSE)LKPFPA(MSE)QEGNREAPAIEYDLFVHLRCDRYDILHLVANEISQ(MSE)FEDLVELVEEE
RGFRF(MSE)DSRDLTGFVDGTENPKGRHRQEVALVGSEDPEFKGGSYIHVQKYAHNLSKWHRLPLKKQEDIIGRTKQDN
IEYESEDKPLTSHIKRVNLKDENGKSIEILRQS(MSE)PYGSLKEQGL(MSE)FISTCRTPDHFEK(MSE)LHS(MSE)V
FGDGAGNHDHL(MSE)HFTSALTGSSFFAPSLDFL(MSE)QFDN
;
_entity_poly.pdbx_strand_id   A
#
# COMPACT_ATOMS: atom_id res chain seq x y z
N ASN A 6 3.82 -24.11 8.71
CA ASN A 6 4.61 -23.92 7.45
C ASN A 6 6.00 -23.40 7.77
N MSE A 7 6.81 -23.21 6.71
CA MSE A 7 8.20 -22.75 6.86
C MSE A 7 8.34 -21.21 6.80
O MSE A 7 8.83 -20.59 7.74
CB MSE A 7 9.07 -23.39 5.77
CG MSE A 7 10.56 -22.96 5.77
SE MSE A 7 11.63 -23.96 7.10
CE MSE A 7 13.50 -23.33 6.75
N PRO A 8 7.93 -20.60 5.68
CA PRO A 8 8.45 -19.29 5.34
C PRO A 8 7.80 -18.16 6.12
N ARG A 9 8.61 -17.24 6.60
CA ARG A 9 8.14 -16.13 7.42
C ARG A 9 7.85 -14.89 6.60
N GLU A 10 6.63 -14.37 6.80
CA GLU A 10 6.23 -13.09 6.22
C GLU A 10 7.10 -12.00 6.82
N GLN A 11 7.46 -11.02 6.00
CA GLN A 11 8.03 -9.81 6.56
C GLN A 11 6.94 -9.20 7.44
N LEU A 12 7.33 -8.79 8.64
CA LEU A 12 6.41 -8.14 9.55
C LEU A 12 6.07 -6.83 8.89
N GLY A 13 5.00 -6.18 9.28
CA GLY A 13 4.74 -4.86 8.69
C GLY A 13 4.00 -4.88 7.36
N VAL A 14 3.99 -6.03 6.69
CA VAL A 14 2.98 -6.24 5.66
C VAL A 14 1.64 -6.24 6.36
N CYS A 15 1.56 -6.92 7.50
CA CYS A 15 0.32 -7.03 8.24
C CYS A 15 0.30 -6.28 9.57
N ALA A 16 1.26 -5.40 9.83
CA ALA A 16 1.31 -4.77 11.14
C ALA A 16 0.06 -3.96 11.38
N GLU A 17 -0.33 -3.86 12.65
CA GLU A 17 -1.35 -2.89 13.06
C GLU A 17 -0.78 -1.49 12.88
N GLY A 18 -1.63 -0.47 12.95
CA GLY A 18 -1.24 0.90 12.58
C GLY A 18 -0.20 1.59 13.46
N ASN A 19 0.52 2.54 12.89
CA ASN A 19 1.50 3.33 13.63
C ASN A 19 1.32 4.84 13.47
N LEU A 20 2.09 5.60 14.22
CA LEU A 20 2.03 7.05 14.14
C LEU A 20 2.81 7.67 12.99
N HIS A 21 3.87 7.01 12.55
CA HIS A 21 4.72 7.59 11.54
C HIS A 21 5.19 6.54 10.56
N SER A 22 5.42 6.96 9.32
CA SER A 22 5.90 6.06 8.28
C SER A 22 6.91 6.73 7.39
N VAL A 23 7.76 5.92 6.78
CA VAL A 23 8.67 6.39 5.74
C VAL A 23 8.55 5.49 4.52
N TYR A 24 8.43 6.14 3.36
CA TYR A 24 8.20 5.43 2.11
C TYR A 24 9.33 5.77 1.19
N LEU A 25 10.09 4.76 0.76
CA LEU A 25 11.25 4.97 -0.10
C LEU A 25 11.16 4.18 -1.39
N MSE A 26 11.33 4.88 -2.52
CA MSE A 26 11.37 4.24 -3.85
C MSE A 26 12.75 4.35 -4.43
O MSE A 26 13.24 5.46 -4.66
CB MSE A 26 10.45 4.91 -4.85
CG MSE A 26 9.23 5.53 -4.26
SE MSE A 26 8.06 4.23 -3.51
CE MSE A 26 6.78 5.56 -2.63
N PHE A 27 13.36 3.21 -4.70
CA PHE A 27 14.65 3.20 -5.33
C PHE A 27 14.49 2.62 -6.71
N ASN A 28 15.33 3.07 -7.62
CA ASN A 28 15.54 2.38 -8.87
C ASN A 28 16.98 1.93 -8.90
N ALA A 29 17.20 0.76 -9.49
CA ALA A 29 18.51 0.15 -9.47
C ALA A 29 19.36 0.69 -10.61
N ASN A 30 20.66 0.70 -10.40
CA ASN A 30 21.61 1.07 -11.45
C ASN A 30 21.86 -0.12 -12.36
N ASP A 31 22.65 0.09 -13.39
CA ASP A 31 22.81 -0.93 -14.41
C ASP A 31 23.65 -2.10 -13.93
N ASN A 32 23.12 -3.31 -14.16
CA ASN A 32 23.86 -4.55 -13.97
C ASN A 32 24.35 -4.74 -12.54
N VAL A 33 23.54 -4.34 -11.58
CA VAL A 33 23.92 -4.41 -10.17
C VAL A 33 23.33 -5.64 -9.46
N GLU A 34 22.60 -6.44 -10.21
CA GLU A 34 21.81 -7.54 -9.67
C GLU A 34 22.62 -8.50 -8.79
N SER A 35 23.77 -8.98 -9.30
CA SER A 35 24.63 -9.90 -8.53
C SER A 35 24.79 -9.43 -7.07
N GLN A 36 25.00 -8.14 -6.87
CA GLN A 36 25.34 -7.58 -5.57
C GLN A 36 24.13 -7.08 -4.79
N LEU A 37 23.06 -6.74 -5.50
CA LEU A 37 21.87 -6.19 -4.89
C LEU A 37 21.04 -7.26 -4.19
N ARG A 38 20.98 -8.46 -4.76
CA ARG A 38 20.19 -9.55 -4.19
C ARG A 38 20.56 -9.80 -2.73
N PRO A 39 21.86 -10.02 -2.43
CA PRO A 39 22.26 -10.28 -1.04
C PRO A 39 22.12 -9.04 -0.19
N CYS A 40 22.35 -7.91 -0.82
CA CYS A 40 22.27 -6.65 -0.14
C CYS A 40 20.83 -6.36 0.30
N ILE A 41 19.87 -6.85 -0.49
CA ILE A 41 18.48 -6.78 -0.09
C ILE A 41 18.21 -7.71 1.09
N ALA A 42 18.68 -8.96 0.98
CA ALA A 42 18.49 -9.93 2.05
C ALA A 42 18.96 -9.36 3.37
N ASN A 43 20.08 -8.64 3.33
CA ASN A 43 20.59 -7.89 4.48
C ASN A 43 19.54 -6.91 5.00
N VAL A 44 19.03 -6.07 4.11
CA VAL A 44 18.10 -5.02 4.49
C VAL A 44 16.78 -5.58 5.02
N ALA A 45 16.29 -6.63 4.39
CA ALA A 45 15.08 -7.29 4.89
C ALA A 45 15.30 -7.79 6.31
N GLN A 46 16.40 -8.50 6.51
CA GLN A 46 16.76 -9.05 7.81
C GLN A 46 16.94 -7.92 8.83
N TYR A 47 17.57 -6.83 8.40
CA TYR A 47 17.72 -5.67 9.25
C TYR A 47 16.34 -5.19 9.72
N ILE A 48 15.42 -5.06 8.78
CA ILE A 48 14.09 -4.57 9.10
C ILE A 48 13.36 -5.48 10.06
N TYR A 49 13.56 -6.79 9.89
CA TYR A 49 12.89 -7.78 10.71
C TYR A 49 13.43 -7.70 12.13
N GLU A 50 14.75 -7.71 12.26
CA GLU A 50 15.40 -7.66 13.57
C GLU A 50 15.02 -6.37 14.32
N LEU A 51 14.89 -5.26 13.59
CA LEU A 51 14.56 -3.98 14.19
C LEU A 51 13.21 -3.98 14.86
N THR A 52 12.35 -4.92 14.50
CA THR A 52 11.05 -4.98 15.16
C THR A 52 11.22 -5.34 16.64
N ASP A 53 12.15 -6.23 16.91
CA ASP A 53 12.50 -6.53 18.29
C ASP A 53 13.25 -5.36 18.93
N GLN A 54 14.27 -4.84 18.25
CA GLN A 54 15.13 -3.82 18.85
C GLN A 54 14.34 -2.59 19.24
N TYR A 55 13.32 -2.28 18.46
CA TYR A 55 12.57 -1.07 18.66
C TYR A 55 11.13 -1.40 18.98
N SER A 56 10.93 -2.48 19.72
CA SER A 56 9.58 -2.84 20.11
C SER A 56 8.99 -1.76 21.00
N ASP A 57 9.84 -1.06 21.74
CA ASP A 57 9.44 0.16 22.45
C ASP A 57 8.43 0.95 21.61
N SER A 58 8.77 1.18 20.35
CA SER A 58 7.97 2.05 19.49
C SER A 58 7.34 1.32 18.31
N ALA A 59 7.06 0.04 18.50
CA ALA A 59 6.32 -0.79 17.52
C ALA A 59 6.88 -0.75 16.10
N PHE A 60 8.18 -0.67 15.97
CA PHE A 60 8.76 -0.55 14.66
C PHE A 60 8.42 -1.79 13.85
N ASN A 61 8.13 -1.58 12.58
CA ASN A 61 7.97 -2.67 11.64
C ASN A 61 8.13 -2.11 10.23
N GLY A 62 8.36 -2.98 9.27
CA GLY A 62 8.48 -2.53 7.89
C GLY A 62 8.68 -3.68 6.94
N PHE A 63 8.90 -3.37 5.67
CA PHE A 63 9.23 -4.40 4.70
C PHE A 63 9.90 -3.83 3.48
N VAL A 64 10.51 -4.73 2.71
CA VAL A 64 11.09 -4.41 1.41
C VAL A 64 10.31 -5.17 0.36
N ALA A 65 9.96 -4.47 -0.71
CA ALA A 65 9.19 -5.04 -1.79
C ALA A 65 9.84 -4.71 -3.12
N ILE A 66 9.60 -5.58 -4.09
CA ILE A 66 10.29 -5.53 -5.38
C ILE A 66 9.34 -5.16 -6.52
N GLY A 67 9.77 -4.20 -7.35
CA GLY A 67 8.97 -3.70 -8.45
C GLY A 67 8.67 -4.79 -9.46
N ALA A 68 7.43 -4.81 -9.96
CA ALA A 68 6.97 -5.86 -10.87
C ALA A 68 7.77 -5.89 -12.15
N ASN A 69 8.15 -4.70 -12.60
CA ASN A 69 8.92 -4.54 -13.83
C ASN A 69 10.40 -4.79 -13.63
N TYR A 70 10.82 -5.01 -12.38
CA TYR A 70 12.24 -5.23 -12.10
C TYR A 70 12.49 -6.68 -11.68
N TRP A 71 11.41 -7.34 -11.27
CA TRP A 71 11.53 -8.63 -10.64
C TRP A 71 12.31 -9.60 -11.49
N ASP A 72 12.00 -9.66 -12.78
CA ASP A 72 12.63 -10.64 -13.62
C ASP A 72 14.12 -10.42 -13.76
N SER A 73 14.56 -9.17 -13.62
CA SER A 73 15.98 -8.88 -13.62
C SER A 73 16.65 -9.45 -12.37
N LEU A 74 16.12 -9.11 -11.20
CA LEU A 74 16.67 -9.58 -9.93
C LEU A 74 16.57 -11.07 -9.73
N TYR A 75 15.38 -11.60 -9.93
CA TYR A 75 15.08 -13.00 -9.62
C TYR A 75 14.56 -13.68 -10.87
N PRO A 76 15.46 -13.93 -11.82
CA PRO A 76 15.05 -14.42 -13.14
C PRO A 76 14.58 -15.86 -13.11
N GLU A 77 14.99 -16.61 -12.10
CA GLU A 77 14.71 -18.04 -12.05
C GLU A 77 13.23 -18.37 -11.78
N SER A 78 12.51 -17.50 -11.08
CA SER A 78 11.07 -17.70 -10.88
C SER A 78 10.36 -16.43 -10.42
N ARG A 79 9.04 -16.46 -10.48
CA ARG A 79 8.16 -15.33 -10.17
C ARG A 79 7.01 -15.76 -9.29
N PRO A 80 6.38 -14.80 -8.61
CA PRO A 80 5.05 -14.99 -8.04
C PRO A 80 4.05 -15.16 -9.16
N GLU A 81 3.20 -16.17 -9.05
CA GLU A 81 2.30 -16.54 -10.14
C GLU A 81 1.71 -15.33 -10.86
N MSE A 82 1.08 -14.43 -10.11
CA MSE A 82 0.26 -13.40 -10.73
C MSE A 82 0.89 -12.03 -10.79
O MSE A 82 0.18 -11.07 -11.02
CB MSE A 82 -1.05 -13.26 -9.98
CG MSE A 82 -1.76 -14.56 -9.76
SE MSE A 82 -3.46 -14.16 -8.91
CE MSE A 82 -4.49 -13.55 -10.58
N LEU A 83 2.20 -11.93 -10.59
CA LEU A 83 2.83 -10.62 -10.58
C LEU A 83 2.70 -9.93 -11.94
N LYS A 84 2.22 -8.68 -11.92
CA LYS A 84 1.91 -7.92 -13.12
C LYS A 84 2.14 -6.47 -12.80
N PRO A 85 2.41 -5.67 -13.84
CA PRO A 85 2.53 -4.23 -13.65
C PRO A 85 1.30 -3.60 -12.97
N PHE A 86 1.40 -2.32 -12.65
CA PHE A 86 0.29 -1.59 -12.09
C PHE A 86 -0.76 -1.45 -13.19
N PRO A 87 -2.03 -1.70 -12.86
CA PRO A 87 -3.07 -1.63 -13.87
C PRO A 87 -3.53 -0.19 -14.09
N ALA A 88 -2.82 0.55 -14.93
CA ALA A 88 -3.20 1.92 -15.20
C ALA A 88 -4.57 1.98 -15.86
N MSE A 89 -5.33 3.00 -15.52
CA MSE A 89 -6.65 3.22 -16.08
C MSE A 89 -6.88 4.70 -16.20
O MSE A 89 -6.12 5.50 -15.66
CB MSE A 89 -7.71 2.65 -15.17
CG MSE A 89 -7.59 1.17 -14.96
SE MSE A 89 -8.71 0.62 -13.48
CE MSE A 89 -7.72 -1.00 -12.95
N GLN A 90 -7.95 5.05 -16.89
CA GLN A 90 -8.35 6.45 -17.02
C GLN A 90 -9.70 6.57 -17.69
N GLU A 91 -10.46 7.57 -17.29
CA GLU A 91 -11.53 8.11 -18.11
C GLU A 91 -12.03 9.42 -17.49
N GLY A 92 -12.09 10.46 -18.32
CA GLY A 92 -12.37 11.80 -17.83
C GLY A 92 -11.22 12.26 -16.98
N ASN A 93 -11.47 13.21 -16.08
CA ASN A 93 -10.46 13.67 -15.11
C ASN A 93 -10.09 12.61 -14.08
N ARG A 94 -10.39 11.35 -14.35
CA ARG A 94 -10.09 10.28 -13.41
C ARG A 94 -8.97 9.40 -13.93
N GLU A 95 -7.73 9.70 -13.52
CA GLU A 95 -6.59 8.90 -13.92
C GLU A 95 -5.96 8.14 -12.76
N ALA A 96 -5.62 6.89 -13.05
CA ALA A 96 -4.80 6.08 -12.19
C ALA A 96 -3.57 5.69 -13.01
N PRO A 97 -2.53 6.52 -13.00
CA PRO A 97 -1.39 6.24 -13.84
C PRO A 97 -0.48 5.21 -13.21
N ALA A 98 0.34 4.59 -14.06
CA ALA A 98 1.40 3.70 -13.59
C ALA A 98 2.75 4.42 -13.60
N ILE A 99 3.37 4.50 -12.45
CA ILE A 99 4.78 4.84 -12.37
C ILE A 99 5.42 3.77 -11.50
N GLU A 100 6.21 2.92 -12.12
CA GLU A 100 6.78 1.78 -11.42
C GLU A 100 8.16 2.16 -10.86
N TYR A 101 8.54 1.48 -9.79
CA TYR A 101 9.85 1.68 -9.20
C TYR A 101 10.44 0.31 -8.94
N ASP A 102 11.76 0.20 -9.10
CA ASP A 102 12.43 -1.09 -8.97
C ASP A 102 12.29 -1.64 -7.56
N LEU A 103 12.42 -0.78 -6.56
CA LEU A 103 12.41 -1.22 -5.15
C LEU A 103 11.63 -0.31 -4.20
N PHE A 104 10.92 -0.93 -3.26
CA PHE A 104 10.12 -0.20 -2.30
C PHE A 104 10.47 -0.59 -0.89
N VAL A 105 10.79 0.41 -0.07
CA VAL A 105 11.10 0.19 1.35
C VAL A 105 10.06 0.92 2.20
N HIS A 106 9.40 0.16 3.05
CA HIS A 106 8.24 0.62 3.79
C HIS A 106 8.56 0.54 5.26
N LEU A 107 8.66 1.68 5.93
CA LEU A 107 9.09 1.72 7.33
C LEU A 107 8.07 2.37 8.23
N ARG A 108 7.72 1.68 9.32
CA ARG A 108 6.73 2.21 10.23
C ARG A 108 7.18 2.15 11.69
N CYS A 109 6.80 3.16 12.45
CA CYS A 109 7.23 3.28 13.84
C CYS A 109 6.38 4.32 14.56
N ASP A 110 6.30 4.23 15.86
CA ASP A 110 5.54 5.23 16.60
C ASP A 110 6.43 6.40 16.97
N ARG A 111 7.70 6.28 16.65
CA ARG A 111 8.62 7.39 16.75
C ARG A 111 9.21 7.74 15.38
N TYR A 112 9.31 9.05 15.12
CA TYR A 112 9.80 9.60 13.85
C TYR A 112 11.31 9.56 13.78
N ASP A 113 11.95 9.97 14.86
CA ASP A 113 13.40 10.01 14.90
C ASP A 113 14.00 8.63 14.59
N ILE A 114 13.36 7.58 15.10
CA ILE A 114 13.88 6.24 14.85
C ILE A 114 13.76 5.89 13.37
N LEU A 115 12.64 6.21 12.75
CA LEU A 115 12.48 6.01 11.33
C LEU A 115 13.54 6.74 10.52
N HIS A 116 13.95 7.92 11.01
CA HIS A 116 14.90 8.74 10.27
C HIS A 116 16.25 8.03 10.30
N LEU A 117 16.60 7.58 11.49
CA LEU A 117 17.81 6.81 11.69
C LEU A 117 17.84 5.61 10.76
N VAL A 118 16.77 4.83 10.77
CA VAL A 118 16.74 3.59 10.02
C VAL A 118 16.81 3.87 8.55
N ALA A 119 16.01 4.83 8.09
CA ALA A 119 16.06 5.25 6.69
C ALA A 119 17.50 5.58 6.24
N ASN A 120 18.20 6.41 7.00
CA ASN A 120 19.62 6.69 6.73
C ASN A 120 20.46 5.42 6.65
N GLU A 121 20.19 4.50 7.56
CA GLU A 121 21.01 3.31 7.66
C GLU A 121 20.77 2.42 6.46
N ILE A 122 19.52 2.37 6.01
CA ILE A 122 19.18 1.50 4.89
C ILE A 122 19.75 2.09 3.61
N SER A 123 19.63 3.40 3.46
CA SER A 123 20.26 4.10 2.35
C SER A 123 21.76 3.80 2.31
N GLN A 124 22.43 3.97 3.45
CA GLN A 124 23.87 3.76 3.52
C GLN A 124 24.18 2.31 3.20
N MSE A 125 23.19 1.43 3.43
CA MSE A 125 23.39 0.02 3.14
C MSE A 125 23.43 -0.22 1.65
O MSE A 125 24.34 -0.88 1.17
CB MSE A 125 22.30 -0.84 3.80
CG MSE A 125 22.61 -1.18 5.25
SE MSE A 125 21.17 -2.05 6.29
CE MSE A 125 21.45 -3.92 5.81
N PHE A 126 22.49 0.34 0.89
CA PHE A 126 22.46 0.11 -0.55
C PHE A 126 23.69 0.64 -1.29
N GLU A 127 24.53 1.42 -0.61
CA GLU A 127 25.79 1.88 -1.19
C GLU A 127 25.54 2.65 -2.50
N ASP A 128 26.20 2.24 -3.58
CA ASP A 128 26.02 2.91 -4.86
C ASP A 128 25.28 1.99 -5.83
N LEU A 129 24.56 1.02 -5.29
CA LEU A 129 23.82 0.08 -6.12
C LEU A 129 22.49 0.64 -6.67
N VAL A 130 21.94 1.66 -6.01
CA VAL A 130 20.62 2.19 -6.39
C VAL A 130 20.52 3.71 -6.21
N GLU A 131 19.40 4.28 -6.65
CA GLU A 131 19.17 5.72 -6.53
C GLU A 131 17.80 5.92 -5.94
N LEU A 132 17.73 6.72 -4.88
CA LEU A 132 16.46 7.10 -4.29
C LEU A 132 15.75 8.02 -5.26
N VAL A 133 14.56 7.64 -5.68
CA VAL A 133 13.81 8.42 -6.65
C VAL A 133 12.78 9.27 -5.92
N GLU A 134 11.98 8.63 -5.06
CA GLU A 134 10.98 9.33 -4.30
C GLU A 134 11.07 8.95 -2.83
N GLU A 135 10.84 9.95 -1.97
CA GLU A 135 10.69 9.73 -0.55
C GLU A 135 9.48 10.51 -0.08
N GLU A 136 8.67 9.87 0.74
CA GLU A 136 7.53 10.52 1.39
C GLU A 136 7.43 9.99 2.80
N ARG A 137 6.95 10.84 3.69
CA ARG A 137 6.80 10.46 5.09
C ARG A 137 5.35 10.65 5.45
N GLY A 138 4.77 9.58 5.98
CA GLY A 138 3.38 9.62 6.36
C GLY A 138 3.22 9.70 7.86
N PHE A 139 1.99 10.02 8.28
CA PHE A 139 1.69 10.23 9.68
C PHE A 139 0.25 9.88 9.98
N ARG A 140 0.00 9.48 11.21
CA ARG A 140 -1.38 9.33 11.64
C ARG A 140 -1.94 10.72 11.91
N PHE A 141 -3.14 10.95 11.39
CA PHE A 141 -3.79 12.22 11.52
C PHE A 141 -4.96 12.01 12.44
N MSE A 142 -4.86 12.52 13.66
CA MSE A 142 -5.92 12.34 14.64
C MSE A 142 -6.13 10.86 14.94
O MSE A 142 -5.16 10.10 15.01
CB MSE A 142 -7.23 12.95 14.15
CG MSE A 142 -7.11 14.34 13.53
SE MSE A 142 -6.14 15.62 14.63
CE MSE A 142 -6.96 17.29 13.97
N ASP A 143 -7.37 10.45 15.11
CA ASP A 143 -7.69 9.07 15.40
C ASP A 143 -7.86 8.31 14.10
N SER A 144 -6.74 8.04 13.46
CA SER A 144 -6.70 7.26 12.22
C SER A 144 -7.64 7.83 11.17
N ARG A 145 -7.55 9.14 10.96
CA ARG A 145 -8.36 9.82 9.97
C ARG A 145 -7.54 10.20 8.76
N ASP A 146 -8.19 10.24 7.61
CA ASP A 146 -7.58 10.78 6.42
C ASP A 146 -7.73 12.29 6.51
N LEU A 147 -6.89 13.02 5.77
CA LEU A 147 -6.89 14.48 5.79
C LEU A 147 -8.24 15.05 5.37
N THR A 148 -9.03 14.15 4.80
CA THR A 148 -10.39 14.44 4.45
C THR A 148 -11.28 14.56 5.70
N GLY A 149 -10.77 14.08 6.83
CA GLY A 149 -11.47 14.21 8.12
C GLY A 149 -12.33 13.02 8.46
N PHE A 150 -12.25 11.98 7.62
CA PHE A 150 -13.04 10.77 7.82
C PHE A 150 -12.09 9.66 8.22
N VAL A 151 -12.59 8.76 9.06
CA VAL A 151 -11.77 7.66 9.56
C VAL A 151 -11.32 6.77 8.41
N ASP A 152 -10.04 6.38 8.39
CA ASP A 152 -9.54 5.46 7.36
C ASP A 152 -9.31 4.05 7.91
N GLY A 153 -9.53 3.07 7.04
CA GLY A 153 -9.23 1.69 7.39
C GLY A 153 -10.24 0.99 8.28
N THR A 154 -11.41 1.58 8.44
CA THR A 154 -12.45 0.95 9.26
C THR A 154 -12.72 -0.47 8.77
N GLU A 155 -12.92 -0.60 7.46
CA GLU A 155 -13.28 -1.89 6.90
C GLU A 155 -12.10 -2.88 6.81
N ASN A 156 -10.95 -2.56 7.39
CA ASN A 156 -9.82 -3.49 7.35
C ASN A 156 -10.10 -4.73 8.14
N PRO A 157 -9.55 -5.86 7.68
CA PRO A 157 -9.64 -7.11 8.42
C PRO A 157 -8.80 -7.01 9.67
N LYS A 158 -9.24 -7.68 10.72
CA LYS A 158 -8.48 -7.68 11.96
C LYS A 158 -8.10 -9.11 12.30
N GLY A 159 -7.23 -9.26 13.28
CA GLY A 159 -6.83 -10.57 13.76
C GLY A 159 -6.08 -11.40 12.74
N ARG A 160 -6.05 -12.71 12.99
CA ARG A 160 -5.38 -13.67 12.11
C ARG A 160 -5.94 -13.60 10.67
N HIS A 161 -7.09 -12.95 10.51
CA HIS A 161 -7.67 -12.74 9.18
C HIS A 161 -6.81 -11.81 8.33
N ARG A 162 -6.02 -10.96 8.97
CA ARG A 162 -5.12 -10.06 8.25
C ARG A 162 -4.17 -10.86 7.36
N GLN A 163 -3.54 -11.86 7.94
CA GLN A 163 -2.66 -12.72 7.19
C GLN A 163 -3.41 -13.48 6.08
N GLU A 164 -4.61 -13.96 6.41
CA GLU A 164 -5.40 -14.73 5.44
C GLU A 164 -5.68 -13.91 4.19
N VAL A 165 -5.97 -12.63 4.38
CA VAL A 165 -6.21 -11.70 3.27
C VAL A 165 -4.92 -11.29 2.54
N ALA A 166 -3.92 -10.86 3.31
CA ALA A 166 -2.71 -10.24 2.76
C ALA A 166 -1.70 -11.23 2.14
N LEU A 167 -1.44 -12.33 2.82
CA LEU A 167 -0.31 -13.18 2.48
C LEU A 167 -0.62 -14.35 1.55
N VAL A 168 0.21 -14.52 0.54
CA VAL A 168 0.16 -15.70 -0.32
C VAL A 168 0.21 -16.96 0.55
N GLY A 169 -0.69 -17.90 0.27
CA GLY A 169 -0.67 -19.20 0.93
C GLY A 169 -0.05 -20.28 0.05
N SER A 170 -0.46 -21.52 0.27
CA SER A 170 0.15 -22.62 -0.47
C SER A 170 -0.36 -22.70 -1.91
N GLU A 171 -1.05 -21.67 -2.40
CA GLU A 171 -1.46 -21.65 -3.81
C GLU A 171 -0.27 -21.31 -4.70
N ASP A 172 0.82 -20.85 -4.10
CA ASP A 172 2.06 -20.64 -4.82
C ASP A 172 3.18 -20.84 -3.81
N PRO A 173 3.42 -22.11 -3.44
CA PRO A 173 4.24 -22.44 -2.29
C PRO A 173 5.60 -21.74 -2.25
N GLU A 174 6.27 -21.62 -3.39
CA GLU A 174 7.59 -20.96 -3.37
C GLU A 174 7.49 -19.55 -2.81
N PHE A 175 6.35 -18.90 -3.00
CA PHE A 175 6.21 -17.51 -2.58
C PHE A 175 5.26 -17.29 -1.44
N LYS A 176 4.80 -18.39 -0.86
CA LYS A 176 4.02 -18.34 0.36
C LYS A 176 4.73 -17.39 1.30
N GLY A 177 3.95 -16.67 2.10
CA GLY A 177 4.51 -15.71 3.04
C GLY A 177 4.59 -14.30 2.49
N GLY A 178 4.55 -14.17 1.17
CA GLY A 178 4.66 -12.86 0.51
C GLY A 178 3.32 -12.19 0.25
N SER A 179 3.35 -10.99 -0.33
CA SER A 179 2.13 -10.22 -0.56
C SER A 179 2.23 -9.27 -1.76
N TYR A 180 1.15 -9.19 -2.54
CA TYR A 180 1.10 -8.31 -3.71
C TYR A 180 0.74 -6.91 -3.26
N ILE A 181 1.63 -5.99 -3.54
CA ILE A 181 1.53 -4.67 -2.97
C ILE A 181 1.35 -3.61 -4.02
N HIS A 182 0.23 -2.91 -3.93
CA HIS A 182 -0.03 -1.80 -4.82
C HIS A 182 0.03 -0.49 -4.05
N VAL A 183 0.53 0.54 -4.70
CA VAL A 183 0.69 1.82 -4.06
C VAL A 183 0.33 2.96 -4.99
N GLN A 184 -0.57 3.82 -4.50
CA GLN A 184 -0.94 5.06 -5.19
C GLN A 184 -0.79 6.23 -4.26
N LYS A 185 -0.12 7.27 -4.75
CA LYS A 185 0.01 8.51 -4.01
C LYS A 185 -1.12 9.44 -4.42
N TYR A 186 -2.13 9.55 -3.55
CA TYR A 186 -3.28 10.38 -3.87
C TYR A 186 -3.07 11.77 -3.33
N ALA A 187 -3.18 12.77 -4.19
CA ALA A 187 -3.03 14.15 -3.77
C ALA A 187 -4.41 14.77 -3.62
N HIS A 188 -4.77 15.08 -2.38
CA HIS A 188 -6.08 15.63 -2.09
C HIS A 188 -6.13 17.09 -2.46
N ASN A 189 -7.23 17.49 -3.06
CA ASN A 189 -7.54 18.87 -3.23
C ASN A 189 -8.35 19.32 -2.01
N LEU A 190 -7.66 19.54 -0.90
CA LEU A 190 -8.33 19.73 0.39
C LEU A 190 -9.21 20.98 0.45
N SER A 191 -8.79 22.08 -0.14
CA SER A 191 -9.61 23.29 -0.10
C SER A 191 -10.94 23.05 -0.83
N LYS A 192 -10.91 22.29 -1.91
CA LYS A 192 -12.14 21.95 -2.64
C LYS A 192 -13.00 21.05 -1.78
N TRP A 193 -12.35 20.14 -1.07
CA TRP A 193 -13.06 19.19 -0.26
C TRP A 193 -13.75 19.87 0.91
N HIS A 194 -13.00 20.69 1.63
CA HIS A 194 -13.52 21.24 2.88
C HIS A 194 -14.51 22.37 2.65
N ARG A 195 -14.80 22.69 1.39
CA ARG A 195 -15.88 23.62 1.05
C ARG A 195 -17.18 22.86 0.81
N LEU A 196 -17.17 21.55 0.94
CA LEU A 196 -18.42 20.82 0.86
C LEU A 196 -19.09 20.89 2.22
N PRO A 197 -20.41 21.10 2.25
CA PRO A 197 -21.11 20.94 3.52
C PRO A 197 -20.97 19.50 4.02
N LEU A 198 -21.11 19.32 5.32
CA LEU A 198 -20.89 18.01 5.92
C LEU A 198 -21.63 16.89 5.17
N LYS A 199 -22.92 17.10 4.90
CA LYS A 199 -23.73 16.03 4.32
C LYS A 199 -23.28 15.61 2.92
N LYS A 200 -22.79 16.57 2.13
CA LYS A 200 -22.22 16.23 0.82
C LYS A 200 -20.95 15.40 1.02
N GLN A 201 -20.11 15.79 1.96
CA GLN A 201 -18.94 14.99 2.29
C GLN A 201 -19.37 13.58 2.66
N GLU A 202 -20.34 13.49 3.56
CA GLU A 202 -20.79 12.21 4.11
C GLU A 202 -21.46 11.34 3.05
N ASP A 203 -22.19 11.97 2.14
CA ASP A 203 -22.84 11.22 1.07
C ASP A 203 -21.81 10.74 0.05
N ILE A 204 -20.69 11.44 -0.04
CA ILE A 204 -19.62 11.05 -0.96
C ILE A 204 -18.87 9.82 -0.48
N ILE A 205 -18.79 9.67 0.83
CA ILE A 205 -18.00 8.60 1.40
C ILE A 205 -18.88 7.44 1.80
N GLY A 206 -20.09 7.74 2.23
CA GLY A 206 -21.04 6.69 2.59
C GLY A 206 -21.00 6.32 4.05
N ARG A 207 -20.40 7.18 4.87
CA ARG A 207 -20.46 7.06 6.32
C ARG A 207 -20.57 8.45 6.94
N THR A 208 -21.04 8.51 8.18
CA THR A 208 -21.02 9.78 8.93
C THR A 208 -19.57 10.15 9.24
N LYS A 209 -19.30 11.45 9.40
CA LYS A 209 -17.93 11.94 9.54
C LYS A 209 -17.39 11.66 10.95
N GLN A 210 -18.05 12.21 11.97
CA GLN A 210 -17.55 12.05 13.34
C GLN A 210 -17.57 10.61 13.77
N ASP A 211 -18.76 10.08 13.96
CA ASP A 211 -18.88 8.75 14.55
C ASP A 211 -18.61 7.66 13.53
N ASN A 212 -18.43 8.05 12.27
CA ASN A 212 -17.97 7.13 11.22
C ASN A 212 -18.94 5.98 11.04
N ILE A 213 -20.23 6.27 11.14
CA ILE A 213 -21.27 5.25 11.07
C ILE A 213 -21.61 4.91 9.63
N GLU A 214 -21.47 3.64 9.30
CA GLU A 214 -21.82 3.14 7.98
C GLU A 214 -23.29 3.44 7.61
N TYR A 215 -23.51 3.94 6.40
CA TYR A 215 -24.86 4.17 5.91
C TYR A 215 -25.59 2.84 5.78
N GLU A 216 -26.90 2.86 6.04
CA GLU A 216 -27.77 1.72 5.70
C GLU A 216 -27.66 1.51 4.20
N SER A 217 -27.47 0.27 3.75
CA SER A 217 -27.19 0.04 2.33
C SER A 217 -28.24 0.69 1.43
N GLU A 218 -29.49 0.70 1.86
CA GLU A 218 -30.57 1.35 1.12
C GLU A 218 -30.35 2.86 0.91
N ASP A 219 -29.46 3.47 1.69
CA ASP A 219 -29.15 4.91 1.62
C ASP A 219 -27.83 5.21 0.92
N LYS A 220 -26.92 4.25 0.89
CA LYS A 220 -25.63 4.42 0.25
C LYS A 220 -25.82 4.86 -1.19
N PRO A 221 -25.39 6.08 -1.55
CA PRO A 221 -25.42 6.38 -2.98
C PRO A 221 -24.44 5.52 -3.74
N LEU A 222 -24.78 5.18 -4.98
CA LEU A 222 -23.92 4.33 -5.79
C LEU A 222 -22.60 5.01 -6.15
N THR A 223 -22.57 6.33 -6.07
CA THR A 223 -21.37 7.09 -6.38
C THR A 223 -20.47 7.23 -5.17
N SER A 224 -20.97 6.80 -4.01
CA SER A 224 -20.18 6.83 -2.77
C SER A 224 -18.99 5.87 -2.78
N HIS A 225 -17.95 6.28 -2.08
CA HIS A 225 -16.71 5.54 -2.01
C HIS A 225 -16.90 4.15 -1.42
N ILE A 226 -17.66 4.06 -0.34
CA ILE A 226 -17.83 2.81 0.36
C ILE A 226 -18.59 1.81 -0.51
N LYS A 227 -19.59 2.31 -1.22
CA LYS A 227 -20.38 1.45 -2.07
C LYS A 227 -19.49 0.90 -3.17
N ARG A 228 -18.59 1.78 -3.61
CA ARG A 228 -17.85 1.57 -4.83
C ARG A 228 -16.62 0.68 -4.61
N VAL A 229 -16.08 0.72 -3.40
CA VAL A 229 -14.89 -0.06 -3.08
C VAL A 229 -15.15 -1.40 -2.34
N ASN A 230 -16.30 -1.55 -1.70
CA ASN A 230 -16.56 -2.77 -0.93
C ASN A 230 -17.33 -3.76 -1.79
N LEU A 231 -16.61 -4.76 -2.30
CA LEU A 231 -17.11 -5.62 -3.37
C LEU A 231 -17.23 -7.10 -2.97
N LYS A 232 -17.82 -7.90 -3.88
CA LYS A 232 -18.07 -9.33 -3.64
C LYS A 232 -17.98 -10.21 -4.91
N ASP A 233 -17.30 -11.35 -4.79
CA ASP A 233 -17.03 -12.23 -5.93
C ASP A 233 -18.29 -12.89 -6.51
N GLU A 234 -18.09 -13.87 -7.40
CA GLU A 234 -19.19 -14.60 -8.04
C GLU A 234 -20.22 -15.06 -6.99
N ASN A 235 -19.75 -15.40 -5.78
CA ASN A 235 -20.60 -16.01 -4.74
C ASN A 235 -21.02 -15.08 -3.62
N GLY A 236 -20.96 -13.77 -3.86
CA GLY A 236 -21.32 -12.81 -2.84
C GLY A 236 -20.41 -12.80 -1.61
N LYS A 237 -19.20 -13.35 -1.74
CA LYS A 237 -18.18 -13.27 -0.67
C LYS A 237 -17.35 -11.99 -0.79
N SER A 238 -17.03 -11.37 0.34
CA SER A 238 -16.32 -10.09 0.33
C SER A 238 -14.95 -10.18 -0.30
N ILE A 239 -14.74 -9.38 -1.34
CA ILE A 239 -13.45 -9.26 -1.98
C ILE A 239 -12.61 -8.27 -1.17
N GLU A 240 -11.61 -8.76 -0.45
CA GLU A 240 -10.92 -7.94 0.55
C GLU A 240 -9.46 -7.59 0.19
N ILE A 241 -8.98 -6.48 0.75
CA ILE A 241 -7.54 -6.20 0.79
C ILE A 241 -7.18 -5.81 2.21
N LEU A 242 -5.89 -5.68 2.49
CA LEU A 242 -5.43 -5.12 3.76
C LEU A 242 -4.72 -3.80 3.50
N ARG A 243 -5.42 -2.70 3.76
CA ARG A 243 -4.87 -1.38 3.55
C ARG A 243 -3.84 -1.09 4.65
N GLN A 244 -2.72 -0.51 4.25
CA GLN A 244 -1.72 0.01 5.20
C GLN A 244 -1.49 1.49 4.92
N SER A 245 -2.51 2.12 4.31
CA SER A 245 -2.43 3.49 3.87
C SER A 245 -2.22 4.48 5.02
N MSE A 246 -1.65 5.64 4.72
CA MSE A 246 -1.55 6.71 5.70
C MSE A 246 -1.51 8.03 5.02
O MSE A 246 -1.08 8.11 3.87
CB MSE A 246 -0.27 6.56 6.50
CG MSE A 246 -0.22 5.31 7.32
SE MSE A 246 1.33 5.33 8.43
CE MSE A 246 0.75 6.59 9.83
N PRO A 247 -1.99 9.08 5.70
CA PRO A 247 -1.78 10.45 5.26
C PRO A 247 -0.31 10.72 5.04
N TYR A 248 -0.01 11.67 4.15
CA TYR A 248 1.35 12.08 3.86
C TYR A 248 1.39 13.52 3.39
N GLY A 249 2.60 14.06 3.32
CA GLY A 249 2.83 15.27 2.58
C GLY A 249 2.87 16.53 3.41
N SER A 250 2.81 17.65 2.71
CA SER A 250 2.95 18.97 3.30
C SER A 250 2.08 19.93 2.48
N LEU A 251 2.21 21.24 2.71
CA LEU A 251 1.37 22.19 2.02
C LEU A 251 1.52 22.05 0.52
N LYS A 252 2.74 21.79 0.06
CA LYS A 252 3.01 21.75 -1.38
C LYS A 252 2.18 20.66 -2.04
N GLU A 253 1.89 19.61 -1.29
CA GLU A 253 1.14 18.49 -1.83
C GLU A 253 0.93 17.49 -0.72
N GLN A 254 -0.34 17.15 -0.47
CA GLN A 254 -0.68 16.25 0.62
C GLN A 254 -1.86 15.36 0.24
N GLY A 255 -1.99 14.24 0.94
CA GLY A 255 -3.13 13.38 0.73
C GLY A 255 -2.97 12.05 1.43
N LEU A 256 -3.25 10.97 0.69
CA LEU A 256 -3.19 9.64 1.23
C LEU A 256 -2.24 8.79 0.41
N MSE A 257 -1.30 8.15 1.09
CA MSE A 257 -0.50 7.12 0.48
C MSE A 257 -1.30 5.86 0.55
O MSE A 257 -1.29 5.18 1.56
CB MSE A 257 0.80 6.94 1.21
CG MSE A 257 1.91 7.82 0.68
SE MSE A 257 2.55 7.15 -1.04
CE MSE A 257 2.99 5.40 -0.47
N PHE A 258 -2.04 5.57 -0.52
CA PHE A 258 -2.80 4.34 -0.55
C PHE A 258 -1.89 3.16 -0.75
N ILE A 259 -1.92 2.24 0.20
CA ILE A 259 -1.11 1.03 0.13
C ILE A 259 -1.99 -0.19 0.32
N SER A 260 -2.07 -1.02 -0.72
CA SER A 260 -2.84 -2.25 -0.67
C SER A 260 -1.90 -3.43 -0.57
N THR A 261 -2.23 -4.38 0.31
CA THR A 261 -1.46 -5.61 0.45
C THR A 261 -2.48 -6.72 0.29
N CYS A 262 -2.09 -7.82 -0.35
CA CYS A 262 -3.09 -8.79 -0.77
C CYS A 262 -2.52 -10.10 -1.32
N ARG A 263 -3.23 -11.20 -1.04
CA ARG A 263 -2.94 -12.52 -1.64
C ARG A 263 -2.82 -12.48 -3.15
N THR A 264 -3.81 -11.85 -3.79
CA THR A 264 -3.85 -11.68 -5.24
C THR A 264 -3.78 -10.20 -5.59
N PRO A 265 -3.22 -9.87 -6.76
CA PRO A 265 -3.16 -8.48 -7.16
C PRO A 265 -4.41 -7.99 -7.90
N ASP A 266 -5.43 -8.83 -8.09
CA ASP A 266 -6.60 -8.32 -8.82
C ASP A 266 -7.77 -7.94 -7.91
N HIS A 267 -7.63 -8.17 -6.61
CA HIS A 267 -8.58 -7.62 -5.63
C HIS A 267 -8.48 -6.12 -5.67
N PHE A 268 -7.25 -5.61 -5.63
CA PHE A 268 -7.02 -4.18 -5.82
C PHE A 268 -7.55 -3.68 -7.18
N GLU A 269 -7.21 -4.38 -8.26
CA GLU A 269 -7.69 -4.02 -9.61
C GLU A 269 -9.18 -3.84 -9.62
N LYS A 270 -9.90 -4.89 -9.25
CA LYS A 270 -11.36 -4.89 -9.30
C LYS A 270 -11.85 -3.58 -8.65
N MSE A 271 -11.22 -3.19 -7.54
CA MSE A 271 -11.72 -2.06 -6.78
C MSE A 271 -11.40 -0.74 -7.47
O MSE A 271 -12.25 0.14 -7.55
CB MSE A 271 -11.12 -2.06 -5.38
CG MSE A 271 -11.66 -3.23 -4.57
SE MSE A 271 -11.01 -3.35 -2.73
CE MSE A 271 -12.01 -4.94 -2.16
N LEU A 272 -10.18 -0.62 -7.96
CA LEU A 272 -9.78 0.57 -8.69
C LEU A 272 -10.67 0.73 -9.93
N HIS A 273 -10.92 -0.36 -10.63
CA HIS A 273 -11.79 -0.33 -11.78
C HIS A 273 -13.15 0.22 -11.42
N SER A 274 -13.68 -0.20 -10.27
CA SER A 274 -15.06 0.14 -9.95
C SER A 274 -15.16 1.59 -9.51
N MSE A 275 -14.01 2.19 -9.15
CA MSE A 275 -13.98 3.61 -8.81
C MSE A 275 -13.98 4.46 -10.06
O MSE A 275 -14.76 5.39 -10.20
CB MSE A 275 -12.74 3.94 -8.02
CG MSE A 275 -12.80 3.49 -6.61
SE MSE A 275 -11.10 3.79 -5.77
CE MSE A 275 -10.91 5.77 -5.97
N VAL A 276 -13.06 4.11 -10.97
CA VAL A 276 -12.84 4.86 -12.19
C VAL A 276 -13.98 4.67 -13.21
N PHE A 277 -14.11 3.44 -13.72
CA PHE A 277 -15.12 3.15 -14.72
C PHE A 277 -16.49 2.97 -14.07
N GLY A 278 -16.50 2.61 -12.80
CA GLY A 278 -17.75 2.59 -12.05
C GLY A 278 -18.50 1.27 -12.14
N ASP A 279 -19.81 1.35 -12.00
CA ASP A 279 -20.63 0.15 -11.81
C ASP A 279 -21.22 -0.42 -13.10
N GLY A 280 -20.79 0.08 -14.25
CA GLY A 280 -21.34 -0.37 -15.51
C GLY A 280 -22.63 0.35 -15.87
N ALA A 281 -23.28 0.94 -14.88
CA ALA A 281 -24.47 1.75 -15.13
C ALA A 281 -24.19 3.25 -14.98
N GLY A 282 -22.91 3.63 -14.97
CA GLY A 282 -22.55 5.03 -15.07
C GLY A 282 -22.09 5.67 -13.78
N ASN A 283 -22.31 4.99 -12.65
CA ASN A 283 -21.93 5.55 -11.36
C ASN A 283 -20.52 5.20 -10.91
N HIS A 284 -19.67 6.21 -10.85
CA HIS A 284 -18.28 6.05 -10.44
C HIS A 284 -18.04 6.66 -9.06
N ASP A 285 -16.81 6.56 -8.57
CA ASP A 285 -16.48 7.01 -7.21
C ASP A 285 -16.25 8.52 -7.21
N HIS A 286 -17.24 9.28 -6.78
CA HIS A 286 -17.15 10.75 -6.76
C HIS A 286 -16.13 11.29 -5.77
N LEU A 287 -15.52 10.42 -4.98
CA LEU A 287 -14.43 10.84 -4.10
C LEU A 287 -13.23 11.24 -4.96
N MSE A 288 -13.16 10.69 -6.17
CA MSE A 288 -12.10 11.00 -7.10
C MSE A 288 -12.22 12.41 -7.65
O MSE A 288 -11.31 12.93 -8.31
CB MSE A 288 -12.09 9.99 -8.24
CG MSE A 288 -11.82 8.57 -7.80
SE MSE A 288 -11.45 7.38 -9.29
CE MSE A 288 -9.61 8.01 -9.71
N HIS A 289 -13.34 13.06 -7.38
CA HIS A 289 -13.51 14.47 -7.76
C HIS A 289 -12.65 15.38 -6.90
N PHE A 290 -12.07 14.81 -5.86
CA PHE A 290 -11.45 15.61 -4.82
C PHE A 290 -10.02 15.21 -4.54
N THR A 291 -9.52 14.19 -5.23
CA THR A 291 -8.16 13.77 -5.02
C THR A 291 -7.64 13.18 -6.32
N SER A 292 -6.31 13.19 -6.48
CA SER A 292 -5.68 12.77 -7.73
C SER A 292 -4.54 11.77 -7.46
N ALA A 293 -4.65 10.59 -8.05
CA ALA A 293 -3.58 9.60 -7.95
C ALA A 293 -2.47 10.01 -8.88
N LEU A 294 -1.36 10.47 -8.32
CA LEU A 294 -0.23 10.92 -9.12
C LEU A 294 0.68 9.75 -9.51
N THR A 295 0.64 8.68 -8.73
CA THR A 295 1.48 7.52 -9.02
C THR A 295 0.70 6.26 -8.74
N GLY A 296 1.19 5.16 -9.28
CA GLY A 296 0.60 3.84 -9.10
C GLY A 296 1.67 2.80 -9.35
N SER A 297 1.89 1.90 -8.39
CA SER A 297 3.03 1.00 -8.45
C SER A 297 2.69 -0.39 -7.97
N SER A 298 3.18 -1.39 -8.69
CA SER A 298 2.99 -2.79 -8.32
C SER A 298 4.30 -3.43 -7.84
N PHE A 299 4.24 -4.08 -6.67
CA PHE A 299 5.37 -4.82 -6.12
C PHE A 299 4.93 -6.17 -5.57
N PHE A 300 5.92 -6.99 -5.24
CA PHE A 300 5.70 -8.15 -4.41
C PHE A 300 6.65 -7.99 -3.24
N ALA A 301 6.14 -8.18 -2.02
CA ALA A 301 6.98 -8.22 -0.83
C ALA A 301 7.18 -9.67 -0.47
N PRO A 302 8.32 -10.24 -0.88
CA PRO A 302 8.53 -11.65 -0.59
C PRO A 302 8.61 -11.94 0.90
N SER A 303 8.45 -13.21 1.24
CA SER A 303 8.73 -13.66 2.59
C SER A 303 10.20 -13.41 2.85
N LEU A 304 10.55 -13.23 4.12
CA LEU A 304 11.94 -13.05 4.49
C LEU A 304 12.80 -14.18 3.94
N ASP A 305 12.31 -15.41 4.04
CA ASP A 305 13.13 -16.54 3.68
C ASP A 305 13.43 -16.59 2.19
N PHE A 306 12.50 -16.10 1.35
CA PHE A 306 12.77 -16.09 -0.07
C PHE A 306 13.96 -15.20 -0.35
N LEU A 307 13.93 -14.00 0.21
CA LEU A 307 14.97 -13.01 -0.01
C LEU A 307 16.33 -13.51 0.43
N MSE A 308 16.34 -14.29 1.51
CA MSE A 308 17.57 -14.62 2.18
C MSE A 308 18.39 -15.72 1.54
O MSE A 308 19.53 -15.93 1.90
CB MSE A 308 17.26 -15.00 3.61
CG MSE A 308 17.40 -13.84 4.54
SE MSE A 308 17.17 -14.47 6.35
CE MSE A 308 18.20 -16.22 6.33
N GLN A 309 17.80 -16.42 0.57
CA GLN A 309 18.50 -17.49 -0.10
C GLN A 309 19.54 -16.97 -1.10
N PHE A 310 19.95 -15.70 -0.96
CA PHE A 310 20.99 -15.19 -1.84
C PHE A 310 22.12 -14.46 -1.11
N ASP A 311 23.24 -15.17 -0.99
CA ASP A 311 24.54 -14.57 -1.17
C ASP A 311 24.61 -14.32 -2.69
N ASN A 312 25.79 -13.99 -3.23
CA ASN A 312 25.98 -13.91 -4.69
C ASN A 312 24.95 -13.02 -5.38
#